data_2CUA
#
_entry.id   2CUA
#
_cell.length_a   34.900
_cell.length_b   70.600
_cell.length_c   53.500
_cell.angle_alpha   90.00
_cell.angle_beta   98.12
_cell.angle_gamma   90.00
#
_symmetry.space_group_name_H-M   'P 1 21 1'
#
loop_
_entity.id
_entity.type
_entity.pdbx_description
1 polymer 'PROTEIN (CUA)'
2 non-polymer 'ZINC ION'
3 non-polymer 'DINUCLEAR COPPER ION'
4 water water
#
_entity_poly.entity_id   1
_entity_poly.type   'polypeptide(L)'
_entity_poly.pdbx_seq_one_letter_code
;AYTLATHTAGVIPAGKLERVDPTTVRQEGPWADPAQAVVQTGPNQYTVYVLAFAFGYQPNPIEVPQGAEIVFKITSPDVI
HGFHVEGTNINVEVLPGEVSTVRYTFKRPGEYRIICNQYCGLGHQNMFGTIVVKE
;
_entity_poly.pdbx_strand_id   A,B
#
# COMPACT_ATOMS: atom_id res chain seq x y z
N ALA A 14 25.95 -2.44 4.67
CA ALA A 14 24.93 -3.01 3.75
C ALA A 14 23.50 -2.75 4.23
N GLY A 15 23.14 -3.10 5.46
CA GLY A 15 23.95 -3.72 6.48
C GLY A 15 23.53 -5.10 6.83
N LYS A 16 22.48 -4.83 8.70
CA LYS A 16 22.17 -6.03 9.51
C LYS A 16 20.81 -6.60 9.15
N LEU A 17 19.75 -5.95 9.59
CA LEU A 17 18.38 -6.36 9.32
C LEU A 17 18.00 -6.12 7.86
N GLU A 18 17.42 -7.13 7.22
CA GLU A 18 16.94 -6.94 5.87
C GLU A 18 15.56 -7.58 5.67
N ARG A 19 15.48 -8.86 5.98
CA ARG A 19 14.26 -9.65 5.90
C ARG A 19 13.76 -10.01 7.31
N VAL A 20 12.44 -9.97 7.48
CA VAL A 20 11.81 -10.38 8.73
C VAL A 20 10.46 -11.02 8.39
N ASP A 21 9.90 -11.75 9.33
CA ASP A 21 8.62 -12.43 9.15
C ASP A 21 7.48 -11.56 9.68
N PRO A 22 6.63 -11.04 8.80
CA PRO A 22 5.55 -10.14 9.20
C PRO A 22 4.55 -10.79 10.14
N THR A 23 4.40 -12.11 10.11
CA THR A 23 3.39 -12.77 10.92
C THR A 23 3.84 -12.96 12.36
N THR A 24 5.17 -13.02 12.57
CA THR A 24 5.60 -13.19 13.96
C THR A 24 6.31 -11.97 14.53
N VAL A 25 6.57 -10.95 13.71
CA VAL A 25 7.22 -9.73 14.16
C VAL A 25 6.72 -9.17 15.49
N ARG A 26 5.46 -9.37 15.85
CA ARG A 26 4.92 -8.83 17.08
C ARG A 26 5.09 -9.74 18.29
N GLN A 27 5.54 -10.97 18.05
CA GLN A 27 5.65 -11.85 19.22
C GLN A 27 7.02 -12.49 19.33
N GLU A 28 7.81 -12.50 18.27
CA GLU A 28 9.16 -13.05 18.41
C GLU A 28 10.17 -12.10 17.80
N GLY A 29 11.27 -11.79 18.50
CA GLY A 29 12.29 -10.95 17.89
C GLY A 29 12.32 -9.53 18.42
N PRO A 30 13.21 -8.71 17.83
CA PRO A 30 13.58 -7.39 18.35
C PRO A 30 12.44 -6.39 18.45
N TRP A 31 11.39 -6.54 17.66
CA TRP A 31 10.22 -5.71 17.70
C TRP A 31 9.12 -6.28 18.60
N ALA A 32 9.31 -7.48 19.14
CA ALA A 32 8.18 -8.05 19.89
C ALA A 32 8.01 -7.39 21.24
N ASP A 33 9.11 -7.04 21.92
CA ASP A 33 8.92 -6.38 23.22
C ASP A 33 9.24 -4.90 23.15
N PRO A 34 8.25 -4.04 23.14
CA PRO A 34 8.45 -2.59 22.95
C PRO A 34 9.24 -1.93 24.08
N ALA A 35 9.30 -2.56 25.25
CA ALA A 35 10.16 -2.00 26.30
C ALA A 35 11.62 -2.04 25.87
N GLN A 36 11.91 -2.97 24.95
CA GLN A 36 13.30 -3.17 24.59
C GLN A 36 13.59 -2.58 23.22
N ALA A 37 12.80 -1.58 22.82
CA ALA A 37 12.96 -1.09 21.46
C ALA A 37 14.27 -0.36 21.24
N VAL A 38 14.75 0.34 22.27
CA VAL A 38 16.03 1.03 22.14
C VAL A 38 17.17 0.21 22.77
N VAL A 39 18.11 -0.14 21.91
CA VAL A 39 19.25 -0.99 22.23
C VAL A 39 20.56 -0.26 21.91
N GLN A 40 21.44 -0.09 22.90
CA GLN A 40 22.72 0.53 22.57
C GLN A 40 23.54 -0.49 21.80
N THR A 41 24.04 -0.08 20.65
CA THR A 41 24.78 -0.93 19.72
C THR A 41 26.17 -0.40 19.45
N GLY A 42 26.56 0.66 20.15
CA GLY A 42 27.91 1.20 20.00
C GLY A 42 28.21 2.22 21.08
N PRO A 43 29.45 2.63 21.31
CA PRO A 43 29.75 3.58 22.39
C PRO A 43 28.90 4.85 22.32
N ASN A 44 28.56 5.30 21.12
CA ASN A 44 27.68 6.45 20.98
C ASN A 44 26.60 6.17 19.93
N GLN A 45 26.00 4.99 20.02
CA GLN A 45 25.07 4.59 18.95
C GLN A 45 23.93 3.75 19.55
N TYR A 46 22.70 4.03 19.16
CA TYR A 46 21.53 3.30 19.63
C TYR A 46 20.77 2.77 18.43
N THR A 47 20.36 1.50 18.53
CA THR A 47 19.46 1.00 17.48
C THR A 47 18.06 1.08 18.06
N VAL A 48 17.16 1.56 17.21
CA VAL A 48 15.78 1.65 17.69
C VAL A 48 14.88 0.80 16.80
N TYR A 49 14.26 -0.23 17.34
CA TYR A 49 13.34 -1.09 16.59
C TYR A 49 11.96 -0.47 16.61
N VAL A 50 11.56 0.02 15.43
CA VAL A 50 10.28 0.68 15.30
C VAL A 50 9.28 -0.17 14.50
N LEU A 51 8.11 -0.33 15.04
CA LEU A 51 7.03 -0.98 14.28
C LEU A 51 6.06 0.10 13.78
N ALA A 52 5.90 0.17 12.47
CA ALA A 52 4.90 1.03 11.84
C ALA A 52 3.69 0.14 11.52
N PHE A 53 2.53 0.46 12.09
CA PHE A 53 1.37 -0.44 11.91
C PHE A 53 0.13 0.39 11.70
N ALA A 54 -1.02 -0.22 11.38
CA ALA A 54 -2.18 0.69 11.27
C ALA A 54 -2.86 0.83 12.61
N PHE A 55 -2.87 1.98 13.25
CA PHE A 55 -2.35 3.24 12.73
C PHE A 55 -1.47 3.93 13.75
N GLY A 56 -0.16 3.67 13.73
CA GLY A 56 0.67 4.30 14.75
C GLY A 56 2.08 3.73 14.71
N TYR A 57 2.87 4.08 15.70
CA TYR A 57 4.26 3.66 15.76
C TYR A 57 4.57 3.15 17.16
N GLN A 58 5.44 2.15 17.17
CA GLN A 58 5.90 1.60 18.44
C GLN A 58 7.42 1.60 18.40
N PRO A 59 8.09 2.06 19.45
CA PRO A 59 7.41 2.58 20.64
C PRO A 59 6.92 4.00 20.43
N ASN A 60 6.14 4.53 21.35
CA ASN A 60 5.70 5.93 21.27
C ASN A 60 5.63 6.51 22.67
N PRO A 61 6.49 7.43 23.06
CA PRO A 61 7.52 8.02 22.21
C PRO A 61 8.81 7.24 22.12
N ILE A 62 9.56 7.55 21.07
CA ILE A 62 10.91 7.03 20.93
C ILE A 62 11.79 8.00 21.71
N GLU A 63 12.58 7.55 22.66
CA GLU A 63 13.37 8.54 23.42
C GLU A 63 14.85 8.36 23.15
N VAL A 64 15.57 9.36 22.65
CA VAL A 64 17.00 9.13 22.36
C VAL A 64 17.81 10.35 22.78
N PRO A 65 19.10 10.15 23.05
CA PRO A 65 19.94 11.29 23.44
C PRO A 65 20.46 12.08 22.26
N GLN A 66 20.63 13.39 22.46
CA GLN A 66 21.17 14.17 21.34
C GLN A 66 22.64 13.83 21.15
N GLY A 67 23.11 13.83 19.92
CA GLY A 67 24.50 13.60 19.58
C GLY A 67 24.85 12.15 19.36
N ALA A 68 23.97 11.22 19.73
CA ALA A 68 24.24 9.81 19.44
C ALA A 68 23.75 9.39 18.07
N GLU A 69 24.52 8.53 17.39
CA GLU A 69 24.02 8.02 16.11
C GLU A 69 22.86 7.06 16.37
N ILE A 70 21.75 7.34 15.72
CA ILE A 70 20.55 6.52 15.92
C ILE A 70 20.34 5.71 14.66
N VAL A 71 20.20 4.40 14.85
CA VAL A 71 19.99 3.49 13.71
C VAL A 71 18.57 2.98 13.84
N PHE A 72 17.67 3.57 13.02
CA PHE A 72 16.28 3.17 13.08
C PHE A 72 16.09 1.92 12.24
N LYS A 73 15.41 0.93 12.83
CA LYS A 73 15.14 -0.32 12.10
C LYS A 73 13.62 -0.52 12.06
N ILE A 74 13.02 -0.32 10.88
CA ILE A 74 11.58 -0.14 10.82
C ILE A 74 10.93 -1.18 9.90
N THR A 75 9.86 -1.76 10.47
CA THR A 75 9.12 -2.72 9.63
C THR A 75 7.64 -2.61 9.92
N SER A 76 6.83 -3.31 9.11
CA SER A 76 5.38 -3.28 9.31
C SER A 76 4.81 -4.69 9.49
N PRO A 77 3.85 -4.83 10.38
CA PRO A 77 3.21 -6.15 10.54
C PRO A 77 1.96 -6.27 9.70
N ASP A 78 1.61 -5.23 8.95
CA ASP A 78 0.34 -5.26 8.22
C ASP A 78 0.54 -4.75 6.80
N VAL A 79 0.39 -3.44 6.56
CA VAL A 79 0.56 -2.94 5.19
C VAL A 79 1.76 -2.00 5.07
N ILE A 80 2.03 -1.55 3.84
CA ILE A 80 3.04 -0.50 3.63
C ILE A 80 2.70 0.77 4.40
N HIS A 81 3.71 1.32 5.06
CA HIS A 81 3.66 2.63 5.68
C HIS A 81 4.84 3.49 5.24
N GLY A 82 4.76 4.71 5.76
CA GLY A 82 5.84 5.70 5.60
C GLY A 82 6.38 6.04 6.98
N PHE A 83 7.66 6.38 6.99
CA PHE A 83 8.27 6.86 8.23
C PHE A 83 9.01 8.15 7.89
N HIS A 84 8.34 9.25 8.21
CA HIS A 84 8.97 10.55 7.97
C HIS A 84 9.06 11.34 9.26
N VAL A 85 10.29 11.76 9.57
CA VAL A 85 10.39 12.58 10.77
C VAL A 85 10.42 14.06 10.36
N GLU A 86 9.42 14.77 10.88
CA GLU A 86 9.19 16.18 10.60
C GLU A 86 10.42 16.98 11.06
N GLY A 87 10.93 17.76 10.12
CA GLY A 87 12.00 18.73 10.31
C GLY A 87 13.34 18.16 9.91
N THR A 88 13.30 16.96 9.30
CA THR A 88 14.52 16.26 8.96
C THR A 88 14.42 15.65 7.57
N ASN A 89 15.53 15.09 7.12
CA ASN A 89 15.57 14.36 5.86
C ASN A 89 15.22 12.89 6.07
N ILE A 90 14.67 12.54 7.24
CA ILE A 90 14.30 11.12 7.39
C ILE A 90 12.96 10.86 6.69
N ASN A 91 13.04 10.05 5.64
CA ASN A 91 11.89 9.77 4.79
C ASN A 91 11.98 8.37 4.19
N VAL A 92 11.35 7.38 4.82
CA VAL A 92 11.51 6.05 4.23
C VAL A 92 10.17 5.29 4.18
N GLU A 93 10.16 4.40 3.20
CA GLU A 93 9.08 3.47 2.95
C GLU A 93 9.23 2.29 3.91
N VAL A 94 8.11 1.89 4.51
CA VAL A 94 8.11 0.75 5.41
C VAL A 94 7.23 -0.37 4.84
N LEU A 95 7.91 -1.46 4.48
CA LEU A 95 7.23 -2.58 3.83
C LEU A 95 7.06 -3.74 4.77
N PRO A 96 5.92 -4.42 4.68
CA PRO A 96 5.78 -5.63 5.51
C PRO A 96 6.83 -6.66 5.11
N GLY A 97 7.46 -7.32 6.08
CA GLY A 97 8.39 -8.40 5.74
C GLY A 97 9.78 -7.89 5.43
N GLU A 98 9.92 -6.57 5.43
CA GLU A 98 11.21 -5.96 5.12
C GLU A 98 11.62 -5.02 6.24
N VAL A 99 12.94 -4.87 6.41
CA VAL A 99 13.40 -3.93 7.41
C VAL A 99 13.94 -2.67 6.72
N SER A 100 13.44 -1.49 7.10
CA SER A 100 14.00 -0.26 6.56
C SER A 100 14.99 0.31 7.58
N THR A 101 16.22 0.54 7.13
CA THR A 101 17.26 1.05 8.03
C THR A 101 17.60 2.49 7.73
N VAL A 102 17.40 3.43 8.64
CA VAL A 102 17.83 4.81 8.41
C VAL A 102 18.67 5.26 9.60
N ARG A 103 19.77 5.93 9.33
CA ARG A 103 20.74 6.36 10.33
C ARG A 103 20.66 7.87 10.55
N TYR A 104 20.62 8.35 11.78
CA TYR A 104 20.51 9.81 11.93
C TYR A 104 21.08 10.26 13.26
N THR A 105 21.72 11.43 13.25
CA THR A 105 22.20 11.97 14.53
C THR A 105 21.43 13.24 14.87
N PHE A 106 20.64 13.24 15.93
CA PHE A 106 19.87 14.43 16.26
C PHE A 106 20.74 15.41 17.04
N LYS A 107 20.87 16.63 16.54
CA LYS A 107 21.82 17.54 17.20
C LYS A 107 21.14 18.74 17.82
N ARG A 108 19.84 18.58 18.04
CA ARG A 108 19.03 19.56 18.74
C ARG A 108 17.96 18.83 19.55
N PRO A 109 17.93 19.06 20.85
CA PRO A 109 16.90 18.44 21.71
C PRO A 109 15.51 18.97 21.36
N GLY A 110 14.50 18.17 21.68
CA GLY A 110 13.15 18.62 21.43
C GLY A 110 12.27 17.45 21.00
N GLU A 111 11.02 17.79 20.70
CA GLU A 111 10.06 16.79 20.24
C GLU A 111 9.89 16.88 18.73
N TYR A 112 10.12 15.75 18.07
CA TYR A 112 9.96 15.63 16.63
C TYR A 112 8.70 14.82 16.33
N ARG A 113 7.94 15.17 15.28
CA ARG A 113 6.78 14.33 14.98
C ARG A 113 7.08 13.37 13.83
N ILE A 114 6.63 12.13 13.98
CA ILE A 114 6.76 11.14 12.90
C ILE A 114 5.43 11.08 12.17
N ILE A 115 5.51 11.12 10.84
CA ILE A 115 4.26 11.05 10.09
C ILE A 115 4.34 9.97 9.03
N CYS A 116 3.17 9.42 8.69
CA CYS A 116 3.09 8.42 7.62
C CYS A 116 2.76 9.12 6.31
N ASN A 117 3.59 8.94 5.29
CA ASN A 117 3.31 9.55 4.00
C ASN A 117 3.04 8.49 2.92
N GLN A 118 2.60 7.29 3.32
CA GLN A 118 2.17 6.22 2.42
C GLN A 118 0.71 5.84 2.76
N TYR A 119 -0.25 6.14 1.91
CA TYR A 119 -1.66 5.90 2.27
C TYR A 119 -1.79 4.43 2.69
N CYS A 120 -2.32 4.22 3.87
CA CYS A 120 -2.33 2.89 4.49
C CYS A 120 -3.71 2.46 4.96
N GLY A 121 -4.73 3.24 4.62
CA GLY A 121 -6.09 3.00 5.06
C GLY A 121 -6.72 4.19 5.74
N LEU A 122 -7.89 4.00 6.32
CA LEU A 122 -8.70 5.11 6.78
C LEU A 122 -8.06 5.86 7.92
N GLY A 123 -7.12 5.27 8.64
CA GLY A 123 -6.51 5.99 9.77
C GLY A 123 -5.24 6.71 9.40
N HIS A 124 -4.91 6.70 8.12
CA HIS A 124 -3.68 7.28 7.62
C HIS A 124 -3.42 8.69 8.15
N GLN A 125 -4.45 9.53 8.10
CA GLN A 125 -4.25 10.92 8.50
C GLN A 125 -3.71 11.04 9.92
N ASN A 126 -4.35 10.32 10.85
CA ASN A 126 -3.99 10.43 12.25
C ASN A 126 -2.93 9.42 12.68
N MET A 127 -2.18 8.90 11.72
CA MET A 127 -1.06 8.01 12.04
C MET A 127 0.19 8.87 12.28
N PHE A 128 0.47 9.09 13.56
CA PHE A 128 1.60 9.90 13.97
C PHE A 128 2.39 9.21 15.09
N GLY A 129 3.68 9.55 15.13
CA GLY A 129 4.54 9.11 16.21
C GLY A 129 5.31 10.30 16.77
N THR A 130 6.05 10.03 17.85
CA THR A 130 6.86 11.06 18.48
C THR A 130 8.24 10.51 18.83
N ILE A 131 9.26 11.31 18.57
CA ILE A 131 10.62 11.10 19.00
C ILE A 131 10.97 12.26 19.95
N VAL A 132 11.45 11.91 21.13
CA VAL A 132 11.94 12.95 22.03
C VAL A 132 13.46 12.88 22.04
N VAL A 133 14.10 13.97 21.68
CA VAL A 133 15.57 13.98 21.73
C VAL A 133 15.95 14.70 23.01
N LYS A 134 16.62 14.01 23.92
CA LYS A 134 16.96 14.56 25.22
C LYS A 134 18.23 15.40 25.17
N GLU A 135 18.53 16.11 26.24
CA GLU A 135 19.73 16.93 26.31
C GLU A 135 20.88 16.17 26.95
N ALA B 1 -5.73 18.40 -20.64
CA ALA B 1 -4.75 17.35 -20.85
C ALA B 1 -3.71 17.36 -19.73
N TYR B 2 -3.64 16.26 -19.00
CA TYR B 2 -2.66 16.03 -17.96
C TYR B 2 -1.46 15.26 -18.49
N THR B 3 -0.26 15.58 -18.00
CA THR B 3 0.88 14.75 -18.35
C THR B 3 1.36 13.90 -17.17
N LEU B 4 1.85 12.72 -17.49
CA LEU B 4 2.74 11.81 -16.80
C LEU B 4 2.35 11.72 -15.34
N ALA B 5 3.13 11.78 -14.31
CA ALA B 5 4.45 11.84 -13.78
C ALA B 5 5.27 10.61 -14.19
N THR B 6 6.47 10.87 -14.71
CA THR B 6 7.41 9.85 -15.11
C THR B 6 8.35 9.46 -13.96
N HIS B 7 8.11 8.29 -13.39
CA HIS B 7 8.91 7.72 -12.31
C HIS B 7 9.31 6.28 -12.69
N THR B 8 8.28 5.50 -12.87
CA THR B 8 8.17 4.08 -13.12
C THR B 8 7.77 3.34 -11.85
N ALA B 9 7.05 2.22 -11.97
CA ALA B 9 6.47 1.54 -10.82
C ALA B 9 7.45 0.62 -10.10
N GLY B 10 7.25 0.56 -8.76
CA GLY B 10 7.94 -0.30 -7.83
C GLY B 10 7.25 -0.39 -6.47
N ALA B 14 3.63 -1.97 -8.02
CA ALA B 14 2.19 -1.79 -8.26
C ALA B 14 1.41 -3.00 -7.76
N GLY B 15 1.87 -4.21 -8.06
CA GLY B 15 1.22 -5.38 -7.51
C GLY B 15 1.34 -5.49 -6.00
N LYS B 16 2.18 -4.67 -5.36
CA LYS B 16 2.34 -4.77 -3.90
C LYS B 16 1.41 -3.80 -3.18
N LEU B 17 0.70 -2.97 -3.95
CA LEU B 17 -0.23 -2.08 -3.26
C LEU B 17 -1.48 -2.82 -2.78
N GLU B 18 -1.81 -2.59 -1.52
CA GLU B 18 -3.01 -3.12 -0.90
C GLU B 18 -3.94 -1.99 -0.49
N ARG B 19 -3.31 -0.82 -0.40
CA ARG B 19 -4.03 0.35 0.05
C ARG B 19 -3.60 1.49 -0.85
N VAL B 20 -4.52 2.39 -1.17
CA VAL B 20 -4.16 3.48 -2.10
C VAL B 20 -5.13 4.61 -1.84
N ASP B 21 -4.64 5.86 -1.89
CA ASP B 21 -5.54 6.95 -1.53
C ASP B 21 -6.62 7.11 -2.60
N PRO B 22 -7.90 6.98 -2.25
CA PRO B 22 -8.95 7.06 -3.26
C PRO B 22 -9.07 8.47 -3.83
N THR B 23 -8.64 9.48 -3.08
CA THR B 23 -8.77 10.86 -3.56
C THR B 23 -7.81 11.18 -4.71
N THR B 24 -6.79 10.37 -4.97
CA THR B 24 -5.80 10.65 -6.01
C THR B 24 -5.49 9.47 -6.91
N VAL B 25 -6.21 8.36 -6.74
CA VAL B 25 -5.99 7.17 -7.56
C VAL B 25 -6.22 7.38 -9.03
N ARG B 26 -7.08 8.32 -9.43
CA ARG B 26 -7.18 8.71 -10.84
C ARG B 26 -6.05 9.62 -11.30
N GLN B 27 -5.26 10.12 -10.35
CA GLN B 27 -4.34 11.22 -10.68
C GLN B 27 -2.89 10.76 -10.84
N GLU B 28 -2.45 9.85 -10.00
CA GLU B 28 -1.11 9.28 -10.14
C GLU B 28 -1.07 7.86 -9.58
N GLY B 29 -0.41 6.99 -10.34
CA GLY B 29 -0.38 5.59 -9.84
C GLY B 29 -0.81 4.64 -10.92
N PRO B 30 -0.90 3.35 -10.62
CA PRO B 30 -1.20 2.36 -11.66
C PRO B 30 -2.62 2.48 -12.18
N TRP B 31 -3.57 3.16 -11.55
CA TRP B 31 -4.90 3.29 -12.14
C TRP B 31 -5.13 4.65 -12.79
N ALA B 32 -4.09 5.48 -12.85
CA ALA B 32 -4.36 6.82 -13.41
C ALA B 32 -4.59 6.82 -14.90
N ASP B 33 -3.79 6.11 -15.67
CA ASP B 33 -3.92 5.94 -17.09
C ASP B 33 -4.58 4.63 -17.53
N PRO B 34 -5.80 4.73 -18.05
CA PRO B 34 -6.57 3.56 -18.47
C PRO B 34 -5.83 2.75 -19.52
N ALA B 35 -4.97 3.44 -20.26
CA ALA B 35 -4.24 2.87 -21.37
C ALA B 35 -3.21 1.87 -20.88
N GLN B 36 -2.75 2.06 -19.65
CA GLN B 36 -1.78 1.18 -19.02
C GLN B 36 -2.42 0.26 -18.00
N ALA B 37 -3.73 0.01 -18.15
CA ALA B 37 -4.39 -0.85 -17.17
C ALA B 37 -3.92 -2.31 -17.22
N VAL B 38 -3.57 -2.86 -18.35
CA VAL B 38 -3.16 -4.25 -18.50
C VAL B 38 -1.65 -4.39 -18.52
N VAL B 39 -1.05 -5.05 -17.54
CA VAL B 39 0.37 -5.28 -17.45
C VAL B 39 0.78 -6.76 -17.51
N GLN B 40 1.72 -7.08 -18.41
CA GLN B 40 2.21 -8.45 -18.37
C GLN B 40 3.10 -8.53 -17.13
N THR B 41 2.81 -9.54 -16.32
CA THR B 41 3.64 -9.71 -15.12
C THR B 41 4.45 -10.99 -15.29
N GLY B 42 4.23 -11.61 -16.45
CA GLY B 42 4.95 -12.82 -16.79
C GLY B 42 4.36 -13.56 -17.97
N PRO B 43 4.89 -14.75 -18.21
CA PRO B 43 4.36 -15.63 -19.25
C PRO B 43 2.91 -15.98 -18.95
N ASN B 44 2.02 -15.62 -19.87
CA ASN B 44 0.60 -15.89 -19.69
C ASN B 44 0.05 -15.35 -18.38
N GLN B 45 0.68 -14.33 -17.79
CA GLN B 45 0.23 -13.74 -16.55
C GLN B 45 0.04 -12.23 -16.70
N TYR B 46 -1.18 -11.76 -16.44
CA TYR B 46 -1.50 -10.35 -16.57
C TYR B 46 -2.14 -9.81 -15.30
N THR B 47 -1.69 -8.63 -14.89
CA THR B 47 -2.36 -7.89 -13.84
C THR B 47 -3.20 -6.80 -14.50
N VAL B 48 -4.41 -6.63 -14.04
CA VAL B 48 -5.26 -5.61 -14.67
C VAL B 48 -5.69 -4.66 -13.58
N TYR B 49 -5.29 -3.39 -13.72
CA TYR B 49 -5.72 -2.37 -12.78
C TYR B 49 -7.07 -1.79 -13.12
N VAL B 50 -8.09 -2.13 -12.35
CA VAL B 50 -9.46 -1.75 -12.63
C VAL B 50 -9.94 -0.72 -11.63
N LEU B 51 -10.67 0.28 -12.15
CA LEU B 51 -11.33 1.21 -11.24
C LEU B 51 -12.83 0.99 -11.31
N ALA B 52 -13.44 0.80 -10.16
CA ALA B 52 -14.90 0.79 -10.03
C ALA B 52 -15.29 2.14 -9.41
N PHE B 53 -16.02 2.92 -10.21
CA PHE B 53 -16.32 4.30 -9.82
C PHE B 53 -17.81 4.54 -10.01
N ALA B 54 -18.36 5.58 -9.39
CA ALA B 54 -19.75 5.88 -9.74
C ALA B 54 -19.78 6.60 -11.07
N PHE B 55 -20.33 6.04 -12.13
CA PHE B 55 -21.05 4.78 -12.25
C PHE B 55 -20.57 3.99 -13.45
N GLY B 56 -19.45 3.28 -13.29
CA GLY B 56 -18.86 2.55 -14.39
C GLY B 56 -17.55 1.87 -13.97
N TYR B 57 -16.85 1.31 -14.95
CA TYR B 57 -15.56 0.67 -14.72
C TYR B 57 -14.56 1.20 -15.74
N GLN B 58 -13.31 1.34 -15.28
CA GLN B 58 -12.19 1.64 -16.14
C GLN B 58 -11.15 0.54 -16.03
N PRO B 59 -10.58 0.02 -17.09
CA PRO B 59 -10.95 0.41 -18.45
C PRO B 59 -12.29 -0.19 -18.88
N ASN B 60 -12.75 0.25 -20.06
CA ASN B 60 -13.98 -0.28 -20.60
C ASN B 60 -13.96 -0.20 -22.12
N PRO B 61 -13.78 -1.32 -22.78
CA PRO B 61 -13.71 -2.60 -22.09
C PRO B 61 -12.33 -3.02 -21.61
N ILE B 62 -12.32 -4.02 -20.72
CA ILE B 62 -11.12 -4.76 -20.35
C ILE B 62 -10.88 -5.88 -21.37
N GLU B 63 -9.71 -5.92 -21.97
CA GLU B 63 -9.28 -6.82 -23.00
C GLU B 63 -8.10 -7.68 -22.53
N VAL B 64 -8.37 -8.96 -22.35
CA VAL B 64 -7.39 -9.92 -21.86
C VAL B 64 -7.46 -11.19 -22.70
N PRO B 65 -6.36 -11.92 -22.77
CA PRO B 65 -6.30 -13.16 -23.51
C PRO B 65 -6.94 -14.32 -22.76
N GLN B 66 -7.53 -15.21 -23.54
CA GLN B 66 -8.10 -16.45 -23.03
C GLN B 66 -6.97 -17.36 -22.54
N GLY B 67 -7.26 -18.17 -21.54
CA GLY B 67 -6.32 -19.15 -21.06
C GLY B 67 -5.17 -18.61 -20.23
N ALA B 68 -5.05 -17.29 -20.06
CA ALA B 68 -4.01 -16.67 -19.25
C ALA B 68 -4.38 -16.40 -17.80
N GLU B 69 -3.41 -16.36 -16.87
CA GLU B 69 -3.78 -16.01 -15.50
C GLU B 69 -3.93 -14.48 -15.42
N ILE B 70 -5.15 -14.13 -15.02
CA ILE B 70 -5.46 -12.70 -14.86
C ILE B 70 -5.48 -12.39 -13.38
N VAL B 71 -4.77 -11.31 -13.02
CA VAL B 71 -4.89 -10.82 -11.66
C VAL B 71 -5.51 -9.41 -11.70
N PHE B 72 -6.76 -9.33 -11.31
CA PHE B 72 -7.42 -8.04 -11.22
C PHE B 72 -7.06 -7.35 -9.90
N LYS B 73 -6.71 -6.06 -10.02
CA LYS B 73 -6.44 -5.23 -8.86
C LYS B 73 -7.45 -4.09 -8.90
N ILE B 74 -8.48 -4.20 -8.07
CA ILE B 74 -9.64 -3.32 -8.22
C ILE B 74 -9.79 -2.41 -7.03
N THR B 75 -10.01 -1.12 -7.33
CA THR B 75 -10.30 -0.22 -6.22
C THR B 75 -11.34 0.82 -6.65
N SER B 76 -11.77 1.66 -5.70
CA SER B 76 -12.77 2.68 -5.97
C SER B 76 -12.27 4.08 -5.59
N PRO B 77 -12.54 5.09 -6.40
CA PRO B 77 -12.15 6.47 -6.06
C PRO B 77 -13.23 7.18 -5.27
N ASP B 78 -14.29 6.49 -4.89
CA ASP B 78 -15.42 7.20 -4.30
C ASP B 78 -16.12 6.38 -3.22
N VAL B 79 -17.10 5.57 -3.63
CA VAL B 79 -17.87 4.85 -2.62
C VAL B 79 -17.73 3.35 -2.89
N ILE B 80 -18.44 2.57 -2.11
CA ILE B 80 -18.31 1.11 -2.24
C ILE B 80 -19.04 0.65 -3.47
N HIS B 81 -18.42 -0.26 -4.23
CA HIS B 81 -19.05 -0.80 -5.43
C HIS B 81 -18.95 -2.33 -5.38
N GLY B 82 -19.68 -2.92 -6.33
CA GLY B 82 -19.54 -4.36 -6.53
C GLY B 82 -18.82 -4.61 -7.84
N PHE B 83 -18.16 -5.77 -7.87
CA PHE B 83 -17.48 -6.17 -9.10
C PHE B 83 -17.85 -7.63 -9.36
N HIS B 84 -18.84 -7.82 -10.21
CA HIS B 84 -19.32 -9.19 -10.48
C HIS B 84 -19.30 -9.41 -11.98
N VAL B 85 -18.59 -10.43 -12.42
CA VAL B 85 -18.47 -10.76 -13.83
C VAL B 85 -19.49 -11.88 -14.10
N GLU B 86 -20.48 -11.59 -14.93
CA GLU B 86 -21.65 -12.48 -14.92
C GLU B 86 -21.29 -13.84 -15.47
N GLY B 87 -21.80 -14.88 -14.82
CA GLY B 87 -21.47 -16.23 -15.27
C GLY B 87 -20.25 -16.82 -14.60
N THR B 88 -19.50 -16.06 -13.80
CA THR B 88 -18.27 -16.50 -13.19
C THR B 88 -18.30 -16.46 -11.68
N ASN B 89 -17.17 -16.90 -11.09
CA ASN B 89 -17.03 -16.88 -9.64
C ASN B 89 -16.54 -15.52 -9.12
N ILE B 90 -16.32 -14.59 -10.06
CA ILE B 90 -15.88 -13.24 -9.65
C ILE B 90 -17.07 -12.48 -9.09
N ASN B 91 -17.03 -12.17 -7.82
CA ASN B 91 -18.05 -11.45 -7.09
C ASN B 91 -17.46 -10.80 -5.86
N VAL B 92 -16.87 -9.59 -6.02
CA VAL B 92 -16.20 -9.00 -4.86
C VAL B 92 -16.73 -7.60 -4.56
N GLU B 93 -16.61 -7.21 -3.30
CA GLU B 93 -16.90 -5.82 -2.90
C GLU B 93 -15.69 -4.96 -3.19
N VAL B 94 -15.92 -3.73 -3.62
CA VAL B 94 -14.75 -2.88 -3.88
C VAL B 94 -14.81 -1.70 -2.92
N LEU B 95 -13.80 -1.54 -2.07
CA LEU B 95 -13.84 -0.45 -1.08
C LEU B 95 -12.89 0.68 -1.49
N PRO B 96 -13.33 1.91 -1.36
CA PRO B 96 -12.40 3.04 -1.55
C PRO B 96 -11.18 2.90 -0.64
N GLY B 97 -10.00 3.07 -1.24
CA GLY B 97 -8.80 3.04 -0.42
C GLY B 97 -8.19 1.65 -0.38
N GLU B 98 -9.00 0.63 -0.69
CA GLU B 98 -8.48 -0.73 -0.63
C GLU B 98 -8.36 -1.36 -2.01
N VAL B 99 -7.37 -2.22 -2.19
CA VAL B 99 -7.20 -2.92 -3.45
C VAL B 99 -7.76 -4.34 -3.35
N SER B 100 -8.72 -4.68 -4.21
CA SER B 100 -9.27 -6.04 -4.13
C SER B 100 -8.50 -6.88 -5.13
N THR B 101 -7.96 -8.03 -4.77
CA THR B 101 -7.28 -8.91 -5.71
C THR B 101 -8.25 -10.00 -6.14
N VAL B 102 -8.40 -10.20 -7.43
CA VAL B 102 -9.23 -11.27 -7.99
C VAL B 102 -8.44 -12.01 -9.06
N ARG B 103 -8.20 -13.31 -8.85
CA ARG B 103 -7.44 -14.07 -9.82
C ARG B 103 -8.46 -14.93 -10.57
N TYR B 104 -8.33 -14.92 -11.88
CA TYR B 104 -9.26 -15.69 -12.71
C TYR B 104 -8.56 -16.15 -13.97
N THR B 105 -8.99 -17.27 -14.54
CA THR B 105 -8.51 -17.59 -15.87
C THR B 105 -9.75 -17.71 -16.76
N PHE B 106 -9.80 -16.92 -17.82
CA PHE B 106 -11.01 -17.03 -18.66
C PHE B 106 -10.82 -18.19 -19.62
N LYS B 107 -11.62 -19.24 -19.49
CA LYS B 107 -11.38 -20.40 -20.36
C LYS B 107 -11.92 -20.20 -21.76
N ARG B 108 -12.99 -19.42 -21.89
CA ARG B 108 -13.53 -19.25 -23.25
C ARG B 108 -13.62 -17.80 -23.67
N PRO B 109 -13.17 -17.58 -24.91
CA PRO B 109 -13.19 -16.27 -25.52
C PRO B 109 -14.63 -15.78 -25.64
N GLY B 110 -14.82 -14.46 -25.70
CA GLY B 110 -16.15 -13.90 -25.73
C GLY B 110 -16.23 -12.63 -24.90
N GLU B 111 -17.41 -12.03 -24.89
CA GLU B 111 -17.71 -10.80 -24.17
C GLU B 111 -18.30 -11.16 -22.81
N TYR B 112 -17.76 -10.60 -21.73
CA TYR B 112 -18.31 -10.87 -20.40
C TYR B 112 -18.87 -9.56 -19.87
N ARG B 113 -19.94 -9.64 -19.09
CA ARG B 113 -20.55 -8.48 -18.48
C ARG B 113 -20.14 -8.26 -17.03
N ILE B 114 -19.74 -7.03 -16.71
CA ILE B 114 -19.43 -6.65 -15.34
C ILE B 114 -20.61 -5.86 -14.76
N ILE B 115 -21.08 -6.30 -13.61
CA ILE B 115 -22.19 -5.67 -12.93
C ILE B 115 -21.80 -5.25 -11.52
N CYS B 116 -22.49 -4.23 -11.01
CA CYS B 116 -22.31 -3.74 -9.66
C CYS B 116 -23.48 -4.21 -8.77
N ASN B 117 -23.09 -4.94 -7.75
CA ASN B 117 -23.83 -5.64 -6.72
C ASN B 117 -24.12 -4.80 -5.48
N GLN B 118 -23.37 -3.72 -5.27
CA GLN B 118 -23.53 -2.92 -4.06
C GLN B 118 -24.12 -1.56 -4.44
N TYR B 119 -25.36 -1.35 -4.03
CA TYR B 119 -26.07 -0.12 -4.40
C TYR B 119 -25.22 1.09 -4.00
N CYS B 120 -24.87 1.89 -4.99
CA CYS B 120 -23.91 2.97 -4.78
C CYS B 120 -24.52 4.35 -5.05
N GLY B 121 -25.83 4.37 -5.14
CA GLY B 121 -26.67 5.51 -5.39
C GLY B 121 -27.34 5.52 -6.76
N LEU B 122 -28.00 6.63 -7.01
CA LEU B 122 -28.64 7.13 -8.21
C LEU B 122 -28.39 6.27 -9.45
N GLY B 123 -27.17 6.26 -9.96
CA GLY B 123 -26.70 5.59 -11.14
C GLY B 123 -26.42 4.09 -11.05
N HIS B 124 -26.56 3.49 -9.90
CA HIS B 124 -26.29 2.06 -9.66
C HIS B 124 -26.84 1.13 -10.73
N GLN B 125 -28.09 1.39 -11.10
CA GLN B 125 -28.85 0.56 -12.01
C GLN B 125 -28.11 0.33 -13.32
N ASN B 126 -27.46 1.39 -13.79
CA ASN B 126 -26.79 1.37 -15.08
C ASN B 126 -25.28 1.36 -14.95
N MET B 127 -24.81 0.79 -13.85
CA MET B 127 -23.37 0.60 -13.64
C MET B 127 -22.93 -0.74 -14.23
N PHE B 128 -22.33 -0.65 -15.41
CA PHE B 128 -21.99 -1.79 -16.22
C PHE B 128 -20.57 -1.67 -16.76
N GLY B 129 -19.91 -2.82 -16.88
CA GLY B 129 -18.61 -2.83 -17.55
C GLY B 129 -18.56 -4.03 -18.48
N THR B 130 -17.48 -4.13 -19.23
CA THR B 130 -17.31 -5.15 -20.24
C THR B 130 -15.92 -5.77 -20.16
N ILE B 131 -15.86 -7.11 -20.27
CA ILE B 131 -14.58 -7.78 -20.44
C ILE B 131 -14.56 -8.47 -21.79
N VAL B 132 -13.51 -8.23 -22.55
CA VAL B 132 -13.42 -8.86 -23.87
C VAL B 132 -12.23 -9.82 -23.88
N VAL B 133 -12.57 -11.09 -23.93
CA VAL B 133 -11.58 -12.16 -23.89
C VAL B 133 -11.27 -12.65 -25.30
N LYS B 134 -10.04 -12.45 -25.74
CA LYS B 134 -9.78 -12.85 -27.12
C LYS B 134 -8.79 -14.01 -27.14
N GLU B 135 -8.63 -14.64 -28.29
CA GLU B 135 -7.65 -15.68 -28.54
C GLU B 135 -6.31 -15.10 -28.98
#